data_2YIY
#
_entry.id   2YIY
#
_cell.length_a   58.401
_cell.length_b   133.422
_cell.length_c   145.769
_cell.angle_alpha   90.00
_cell.angle_beta   90.00
_cell.angle_gamma   90.00
#
_symmetry.space_group_name_H-M   'I 2 2 2'
#
loop_
_entity.id
_entity.type
_entity.pdbx_description
1 polymer 'MITOGEN-ACTIVATED PROTEIN KINASE KINASE KINASE 7, TGF-BETA-ACTIVATED KINASE 1 AND MAP3K7-BINDING PROTEIN 1'
2 non-polymer (1E)-1-[5-TERT-BUTYL-2-(3-FLUOROPHENYL)-1H-PYRAZOL-3-YLIDENE]-3-(4-PYRIDIN-3-YLOXYPHENYL)UREA
3 water water
#
_entity_poly.entity_id   1
_entity_poly.type   'polypeptide(L)'
_entity_poly.pdbx_seq_one_letter_code
;SLHMIDYKEIEVEEVVGRGAFGVVCKAKWRAKDVAIKQIESESERKAFIVELRQLSRVNHPNIVKLYGACLNPVCLVMEY
AEGGSLYNVLHGAEPLPYYTAAHAMSWCLQCSQGVAYLHSMQPKALIHRDLKPPNLLLVAGGTVLKICDFGTACDIQTHM
TNNKGSAAWMAPEVFEGSNYSEKCDVFSWGIILWEVITRRKPFDEIGGPAFRIMWAVHNGTRPPLIKNLPKPIESLMTRC
WSKDPSQRPSMEEIVKIMTHLMRYFPGADEPLQYPCQHSLPPGEDGRVEPYVDFAEFYRLWSVDHGE
;
_entity_poly.pdbx_strand_id   A
#
# COMPACT_ATOMS: atom_id res chain seq x y z
N SER A 1 26.35 4.27 0.23
CA SER A 1 26.71 3.47 -0.94
C SER A 1 25.64 3.47 -2.04
N LEU A 2 26.05 3.85 -3.26
CA LEU A 2 25.18 3.94 -4.43
C LEU A 2 25.81 3.29 -5.65
N HIS A 3 25.14 2.26 -6.19
CA HIS A 3 25.60 1.52 -7.36
C HIS A 3 25.46 2.38 -8.61
N MET A 4 26.60 2.80 -9.16
CA MET A 4 26.65 3.63 -10.36
C MET A 4 26.34 2.78 -11.59
N ILE A 5 25.45 3.30 -12.46
CA ILE A 5 25.04 2.63 -13.69
C ILE A 5 25.22 3.59 -14.86
N ASP A 6 25.88 3.14 -15.95
CA ASP A 6 26.04 3.97 -17.14
C ASP A 6 24.79 3.80 -18.01
N TYR A 7 24.22 4.93 -18.49
CA TYR A 7 22.99 4.99 -19.28
C TYR A 7 23.00 4.14 -20.56
N LYS A 8 24.20 3.89 -21.15
CA LYS A 8 24.39 3.05 -22.34
C LYS A 8 24.13 1.56 -22.04
N GLU A 9 24.24 1.15 -20.75
CA GLU A 9 24.01 -0.22 -20.27
C GLU A 9 22.51 -0.53 -20.10
N ILE A 10 21.64 0.50 -20.26
CA ILE A 10 20.19 0.39 -20.12
C ILE A 10 19.44 0.46 -21.45
N GLU A 11 18.54 -0.52 -21.67
CA GLU A 11 17.70 -0.62 -22.85
C GLU A 11 16.27 -0.20 -22.49
N VAL A 12 15.99 1.11 -22.62
CA VAL A 12 14.71 1.73 -22.30
C VAL A 12 13.59 1.30 -23.27
N GLU A 13 12.52 0.69 -22.72
CA GLU A 13 11.35 0.24 -23.46
C GLU A 13 10.21 1.29 -23.29
N GLU A 14 8.94 0.83 -23.23
CA GLU A 14 7.72 1.64 -23.11
C GLU A 14 7.54 2.41 -21.78
N VAL A 15 6.84 3.56 -21.88
CA VAL A 15 6.47 4.40 -20.72
C VAL A 15 5.42 3.62 -19.90
N VAL A 16 5.57 3.64 -18.58
CA VAL A 16 4.67 2.99 -17.64
C VAL A 16 3.76 4.07 -17.03
N GLY A 17 4.35 5.20 -16.64
CA GLY A 17 3.60 6.33 -16.06
C GLY A 17 4.39 7.56 -15.70
N ARG A 18 3.66 8.59 -15.22
CA ARG A 18 4.20 9.87 -14.79
C ARG A 18 3.64 10.25 -13.41
N GLY A 19 4.55 10.48 -12.46
CA GLY A 19 4.21 10.88 -11.10
C GLY A 19 4.21 12.38 -10.95
N ALA A 20 4.52 12.90 -9.76
CA ALA A 20 4.56 14.36 -9.54
C ALA A 20 5.67 15.04 -10.38
N PHE A 21 6.72 14.26 -10.69
CA PHE A 21 7.86 14.66 -11.51
C PHE A 21 8.45 13.42 -12.18
N GLY A 22 9.24 13.64 -13.24
CA GLY A 22 9.91 12.60 -14.00
C GLY A 22 8.97 11.71 -14.80
N VAL A 23 9.57 10.64 -15.38
CA VAL A 23 8.87 9.62 -16.16
C VAL A 23 9.41 8.24 -15.85
N VAL A 24 8.50 7.26 -15.65
CA VAL A 24 8.84 5.89 -15.34
C VAL A 24 8.59 5.00 -16.56
N CYS A 25 9.64 4.37 -17.08
CA CYS A 25 9.56 3.47 -18.22
C CYS A 25 10.07 2.10 -17.79
N LYS A 26 9.67 1.07 -18.56
CA LYS A 26 10.14 -0.31 -18.39
C LYS A 26 11.50 -0.34 -19.11
N ALA A 27 12.47 -1.07 -18.56
CA ALA A 27 13.79 -1.16 -19.19
C ALA A 27 14.49 -2.47 -18.88
N LYS A 28 15.56 -2.75 -19.62
CA LYS A 28 16.37 -3.94 -19.41
C LYS A 28 17.76 -3.52 -18.97
N TRP A 29 18.37 -4.32 -18.10
CA TRP A 29 19.70 -4.09 -17.56
C TRP A 29 20.17 -5.38 -16.89
N ARG A 30 21.33 -5.91 -17.33
CA ARG A 30 21.98 -7.14 -16.84
C ARG A 30 21.01 -8.33 -16.93
N ALA A 31 20.53 -8.63 -18.17
CA ALA A 31 19.58 -9.70 -18.50
C ALA A 31 18.41 -9.79 -17.50
N LYS A 32 17.84 -8.62 -17.12
CA LYS A 32 16.75 -8.52 -16.16
C LYS A 32 15.74 -7.42 -16.52
N ASP A 33 14.46 -7.64 -16.13
CA ASP A 33 13.38 -6.67 -16.32
C ASP A 33 13.48 -5.69 -15.16
N VAL A 34 13.66 -4.43 -15.52
CA VAL A 34 13.90 -3.33 -14.59
C VAL A 34 12.94 -2.16 -14.85
N ALA A 35 12.89 -1.22 -13.90
CA ALA A 35 12.13 0.02 -14.01
C ALA A 35 13.11 1.21 -13.92
N ILE A 36 12.98 2.17 -14.84
CA ILE A 36 13.82 3.38 -14.84
C ILE A 36 13.01 4.64 -14.57
N LYS A 37 13.51 5.52 -13.69
CA LYS A 37 12.85 6.81 -13.47
C LYS A 37 13.78 7.85 -14.03
N GLN A 38 13.34 8.57 -15.07
CA GLN A 38 14.18 9.60 -15.65
C GLN A 38 13.59 10.99 -15.64
N ILE A 39 14.47 11.98 -15.68
CA ILE A 39 14.20 13.40 -15.68
C ILE A 39 13.68 13.87 -17.06
N GLU A 40 12.76 14.84 -17.08
CA GLU A 40 12.22 15.42 -18.31
C GLU A 40 12.60 16.90 -18.49
N SER A 41 12.76 17.63 -17.35
CA SER A 41 13.13 19.04 -17.29
C SER A 41 14.23 19.25 -16.25
N GLU A 42 15.12 20.22 -16.48
CA GLU A 42 16.21 20.53 -15.55
C GLU A 42 15.71 20.99 -14.18
N SER A 43 14.42 21.38 -14.12
CA SER A 43 13.72 21.81 -12.91
C SER A 43 13.63 20.68 -11.89
N GLU A 44 13.29 19.46 -12.33
CA GLU A 44 13.12 18.30 -11.44
C GLU A 44 14.39 17.58 -10.92
N ARG A 45 15.57 18.20 -11.15
CA ARG A 45 16.88 17.71 -10.71
C ARG A 45 16.92 17.64 -9.18
N LYS A 46 16.69 18.78 -8.50
CA LYS A 46 16.67 18.85 -7.04
C LYS A 46 15.81 17.73 -6.45
N ALA A 47 14.60 17.51 -7.01
CA ALA A 47 13.61 16.48 -6.60
C ALA A 47 14.08 15.02 -6.86
N PHE A 48 14.92 14.82 -7.89
CA PHE A 48 15.50 13.52 -8.22
C PHE A 48 16.51 13.14 -7.16
N ILE A 49 17.36 14.11 -6.77
CA ILE A 49 18.40 14.00 -5.76
C ILE A 49 17.78 13.65 -4.40
N VAL A 50 16.64 14.27 -4.07
CA VAL A 50 15.94 13.99 -2.82
C VAL A 50 15.48 12.52 -2.83
N GLU A 51 14.88 12.09 -3.97
CA GLU A 51 14.41 10.71 -4.11
C GLU A 51 15.57 9.73 -3.99
N LEU A 52 16.67 9.98 -4.72
CA LEU A 52 17.89 9.19 -4.74
C LEU A 52 18.53 9.05 -3.37
N ARG A 53 18.54 10.14 -2.56
CA ARG A 53 19.09 10.10 -1.19
C ARG A 53 18.19 9.29 -0.24
N GLN A 54 16.86 9.37 -0.41
CA GLN A 54 15.93 8.63 0.45
C GLN A 54 15.85 7.15 0.08
N LEU A 55 15.76 6.81 -1.24
CA LEU A 55 15.68 5.43 -1.74
C LEU A 55 16.94 4.63 -1.38
N SER A 56 18.11 5.30 -1.32
CA SER A 56 19.38 4.66 -1.02
C SER A 56 19.71 4.58 0.49
N ARG A 57 18.86 5.19 1.33
CA ARG A 57 18.96 5.23 2.80
C ARG A 57 18.15 4.07 3.42
N VAL A 58 17.20 3.53 2.63
CA VAL A 58 16.23 2.51 3.00
C VAL A 58 16.56 1.09 2.48
N ASN A 59 16.46 0.05 3.36
CA ASN A 59 16.73 -1.36 3.02
C ASN A 59 15.89 -2.34 3.84
N HIS A 60 14.78 -2.78 3.24
CA HIS A 60 13.82 -3.66 3.90
C HIS A 60 13.08 -4.53 2.86
N PRO A 61 12.77 -5.81 3.15
CA PRO A 61 12.06 -6.67 2.16
C PRO A 61 10.74 -6.13 1.59
N ASN A 62 10.09 -5.17 2.27
CA ASN A 62 8.80 -4.58 1.87
C ASN A 62 8.84 -3.15 1.39
N ILE A 63 10.02 -2.70 0.99
CA ILE A 63 10.22 -1.40 0.39
C ILE A 63 10.91 -1.62 -0.94
N VAL A 64 10.34 -1.05 -2.02
CA VAL A 64 10.85 -1.14 -3.38
C VAL A 64 12.38 -1.00 -3.38
N LYS A 65 13.03 -1.93 -4.06
CA LYS A 65 14.46 -2.01 -4.14
C LYS A 65 14.95 -1.05 -5.24
N LEU A 66 15.91 -0.21 -4.91
CA LEU A 66 16.60 0.66 -5.85
C LEU A 66 17.84 -0.18 -6.26
N TYR A 67 18.06 -0.40 -7.57
CA TYR A 67 19.25 -1.15 -8.02
C TYR A 67 20.49 -0.27 -8.03
N GLY A 68 20.35 0.91 -8.61
CA GLY A 68 21.40 1.89 -8.73
C GLY A 68 20.91 3.12 -9.46
N ALA A 69 21.82 4.02 -9.82
CA ALA A 69 21.41 5.24 -10.51
C ALA A 69 22.38 5.70 -11.55
N CYS A 70 21.85 6.38 -12.57
CA CYS A 70 22.62 7.01 -13.63
C CYS A 70 22.86 8.45 -13.21
N LEU A 71 24.01 9.01 -13.60
CA LEU A 71 24.31 10.41 -13.28
C LEU A 71 24.22 11.28 -14.50
N ASN A 72 24.56 10.72 -15.68
CA ASN A 72 24.49 11.45 -16.95
C ASN A 72 23.73 10.66 -18.04
N PRO A 73 22.42 10.93 -18.22
CA PRO A 73 21.58 11.88 -17.45
C PRO A 73 21.03 11.21 -16.18
N VAL A 74 20.55 12.02 -15.21
CA VAL A 74 19.99 11.50 -13.96
C VAL A 74 18.83 10.57 -14.22
N CYS A 75 18.93 9.36 -13.67
CA CYS A 75 17.99 8.28 -13.85
C CYS A 75 18.12 7.27 -12.69
N LEU A 76 16.98 6.80 -12.16
CA LEU A 76 16.91 5.81 -11.07
C LEU A 76 16.58 4.44 -11.61
N VAL A 77 17.32 3.41 -11.19
CA VAL A 77 17.10 2.04 -11.64
C VAL A 77 16.46 1.25 -10.49
N MET A 78 15.26 0.72 -10.74
CA MET A 78 14.44 0.03 -9.75
C MET A 78 14.08 -1.38 -10.13
N GLU A 79 13.59 -2.14 -9.14
CA GLU A 79 13.05 -3.47 -9.43
C GLU A 79 11.73 -3.24 -10.19
N TYR A 80 11.35 -4.22 -10.98
CA TYR A 80 10.12 -4.06 -11.72
C TYR A 80 9.01 -4.92 -11.13
N ALA A 81 7.85 -4.31 -10.85
CA ALA A 81 6.71 -5.06 -10.31
C ALA A 81 5.76 -5.38 -11.45
N GLU A 82 5.95 -6.60 -12.01
CA GLU A 82 5.15 -7.10 -13.12
C GLU A 82 3.67 -7.20 -12.71
N GLY A 83 3.44 -7.60 -11.45
CA GLY A 83 2.11 -7.67 -10.85
C GLY A 83 1.38 -6.34 -10.76
N GLY A 84 2.07 -5.23 -11.09
CA GLY A 84 1.55 -3.85 -11.04
C GLY A 84 1.24 -3.39 -9.63
N SER A 85 0.35 -2.40 -9.49
CA SER A 85 0.02 -1.96 -8.13
C SER A 85 -1.10 -2.81 -7.47
N LEU A 86 -1.26 -2.68 -6.15
CA LEU A 86 -2.32 -3.33 -5.36
C LEU A 86 -3.71 -2.82 -5.81
N TYR A 87 -3.79 -1.52 -6.15
CA TYR A 87 -5.03 -0.89 -6.64
C TYR A 87 -5.50 -1.57 -7.94
N ASN A 88 -4.54 -1.97 -8.80
CA ASN A 88 -4.79 -2.64 -10.07
C ASN A 88 -5.29 -4.07 -9.82
N VAL A 89 -4.70 -4.74 -8.83
CA VAL A 89 -5.07 -6.08 -8.44
C VAL A 89 -6.48 -6.09 -7.88
N LEU A 90 -6.80 -5.10 -7.00
CA LEU A 90 -8.10 -5.00 -6.35
C LEU A 90 -9.20 -4.53 -7.25
N HIS A 91 -8.98 -3.40 -7.91
CA HIS A 91 -9.97 -2.68 -8.68
C HIS A 91 -9.64 -2.39 -10.13
N GLY A 92 -8.54 -2.95 -10.65
CA GLY A 92 -8.10 -2.70 -12.02
C GLY A 92 -8.98 -3.27 -13.13
N ALA A 93 -8.39 -3.43 -14.32
CA ALA A 93 -9.13 -3.95 -15.46
C ALA A 93 -9.21 -5.47 -15.43
N GLU A 94 -10.32 -5.98 -16.00
CA GLU A 94 -10.64 -7.38 -16.19
C GLU A 94 -9.57 -8.06 -17.12
N PRO A 95 -9.16 -9.30 -16.80
CA PRO A 95 -9.66 -10.14 -15.71
C PRO A 95 -8.93 -9.89 -14.41
N LEU A 96 -9.67 -9.66 -13.33
CA LEU A 96 -9.07 -9.43 -12.03
C LEU A 96 -8.81 -10.77 -11.38
N PRO A 97 -7.72 -10.96 -10.61
CA PRO A 97 -7.51 -12.26 -9.96
C PRO A 97 -8.36 -12.49 -8.70
N TYR A 98 -8.54 -13.76 -8.38
CA TYR A 98 -9.18 -14.18 -7.14
C TYR A 98 -8.09 -14.13 -6.07
N TYR A 99 -8.44 -13.72 -4.85
CA TYR A 99 -7.53 -13.72 -3.68
C TYR A 99 -8.31 -14.12 -2.39
N THR A 100 -7.58 -14.63 -1.41
CA THR A 100 -8.18 -15.14 -0.18
C THR A 100 -8.01 -14.21 0.99
N ALA A 101 -8.62 -14.55 2.13
CA ALA A 101 -8.45 -13.83 3.40
C ALA A 101 -6.97 -13.80 3.82
N ALA A 102 -6.23 -14.90 3.55
CA ALA A 102 -4.78 -15.06 3.82
C ALA A 102 -3.96 -14.07 3.03
N HIS A 103 -4.30 -13.84 1.73
CA HIS A 103 -3.67 -12.85 0.85
C HIS A 103 -3.88 -11.44 1.40
N ALA A 104 -5.17 -11.06 1.64
CA ALA A 104 -5.59 -9.78 2.21
C ALA A 104 -4.84 -9.49 3.51
N MET A 105 -4.82 -10.47 4.45
CA MET A 105 -4.13 -10.32 5.73
C MET A 105 -2.60 -10.22 5.58
N SER A 106 -1.99 -11.05 4.71
CA SER A 106 -0.56 -11.00 4.43
C SER A 106 -0.10 -9.65 3.85
N TRP A 107 -0.83 -9.12 2.85
CA TRP A 107 -0.52 -7.84 2.22
C TRP A 107 -0.44 -6.74 3.27
N CYS A 108 -1.41 -6.71 4.18
CA CYS A 108 -1.49 -5.73 5.26
C CYS A 108 -0.42 -5.88 6.31
N LEU A 109 0.02 -7.12 6.58
CA LEU A 109 1.10 -7.37 7.53
C LEU A 109 2.42 -6.86 6.93
N GLN A 110 2.66 -7.18 5.64
CA GLN A 110 3.85 -6.76 4.89
C GLN A 110 3.90 -5.23 4.76
N CYS A 111 2.74 -4.58 4.64
CA CYS A 111 2.68 -3.14 4.56
C CYS A 111 3.08 -2.58 5.92
N SER A 112 2.56 -3.15 7.05
CA SER A 112 2.92 -2.72 8.40
C SER A 112 4.39 -2.98 8.73
N GLN A 113 4.97 -4.09 8.26
CA GLN A 113 6.41 -4.39 8.46
C GLN A 113 7.27 -3.29 7.79
N GLY A 114 6.92 -2.92 6.55
CA GLY A 114 7.57 -1.87 5.77
C GLY A 114 7.45 -0.50 6.41
N VAL A 115 6.25 -0.13 6.89
CA VAL A 115 6.00 1.15 7.57
C VAL A 115 6.65 1.23 8.97
N ALA A 116 6.61 0.12 9.76
CA ALA A 116 7.26 0.07 11.09
C ALA A 116 8.76 0.33 10.92
N TYR A 117 9.36 -0.18 9.81
CA TYR A 117 10.75 -0.02 9.46
C TYR A 117 11.00 1.42 9.14
N LEU A 118 10.06 2.07 8.43
CA LEU A 118 10.24 3.47 8.09
C LEU A 118 10.16 4.34 9.33
N HIS A 119 9.29 3.97 10.27
CA HIS A 119 9.06 4.70 11.52
C HIS A 119 10.18 4.57 12.53
N SER A 120 11.05 3.56 12.36
CA SER A 120 12.16 3.26 13.27
C SER A 120 13.48 3.88 12.81
N MET A 121 13.46 4.50 11.62
CA MET A 121 14.57 5.18 11.01
C MET A 121 15.29 6.11 11.99
N GLN A 122 16.63 6.01 12.03
CA GLN A 122 17.46 6.87 12.87
C GLN A 122 18.28 7.84 11.99
N PRO A 123 18.47 9.12 12.38
CA PRO A 123 18.06 9.78 13.63
C PRO A 123 16.63 10.32 13.63
N LYS A 124 15.96 10.32 12.45
CA LYS A 124 14.60 10.82 12.32
C LYS A 124 13.70 9.81 11.61
N ALA A 125 12.50 9.59 12.18
CA ALA A 125 11.48 8.69 11.62
C ALA A 125 11.09 9.10 10.21
N LEU A 126 10.85 8.12 9.34
CA LEU A 126 10.40 8.42 7.98
C LEU A 126 8.90 8.16 7.92
N ILE A 127 8.12 9.21 7.70
CA ILE A 127 6.67 9.12 7.62
C ILE A 127 6.35 9.02 6.15
N HIS A 128 5.60 7.98 5.75
CA HIS A 128 5.25 7.80 4.34
C HIS A 128 4.42 8.98 3.83
N ARG A 129 3.32 9.33 4.56
CA ARG A 129 2.37 10.42 4.27
C ARG A 129 1.40 10.13 3.12
N ASP A 130 1.71 9.16 2.24
CA ASP A 130 0.84 8.85 1.12
C ASP A 130 0.56 7.36 0.94
N LEU A 131 0.28 6.67 2.06
CA LEU A 131 -0.05 5.26 2.08
C LEU A 131 -1.43 5.02 1.50
N LYS A 132 -1.47 4.30 0.37
CA LYS A 132 -2.70 3.98 -0.35
C LYS A 132 -2.38 2.85 -1.33
N PRO A 133 -3.37 2.06 -1.80
CA PRO A 133 -3.05 0.96 -2.73
C PRO A 133 -2.35 1.33 -4.03
N PRO A 134 -2.51 2.53 -4.67
CA PRO A 134 -1.70 2.83 -5.90
C PRO A 134 -0.19 2.91 -5.64
N ASN A 135 0.19 3.14 -4.33
CA ASN A 135 1.57 3.25 -3.84
C ASN A 135 2.16 1.94 -3.30
N LEU A 136 1.49 0.81 -3.59
CA LEU A 136 1.93 -0.51 -3.11
C LEU A 136 2.05 -1.42 -4.29
N LEU A 137 3.25 -1.95 -4.53
CA LEU A 137 3.44 -2.85 -5.65
C LEU A 137 3.52 -4.30 -5.21
N LEU A 138 3.10 -5.23 -6.09
CA LEU A 138 3.14 -6.67 -5.79
C LEU A 138 4.11 -7.41 -6.70
N VAL A 139 4.89 -8.30 -6.10
CA VAL A 139 5.86 -9.16 -6.78
C VAL A 139 5.63 -10.60 -6.32
N ALA A 140 6.40 -11.57 -6.87
CA ALA A 140 6.33 -13.01 -6.54
C ALA A 140 4.91 -13.60 -6.65
N GLY A 141 4.27 -13.44 -7.81
CA GLY A 141 2.93 -13.93 -8.09
C GLY A 141 1.85 -13.28 -7.22
N GLY A 142 2.08 -12.01 -6.88
CA GLY A 142 1.18 -11.20 -6.06
C GLY A 142 1.20 -11.54 -4.59
N THR A 143 2.24 -12.28 -4.13
CA THR A 143 2.37 -12.70 -2.72
C THR A 143 3.24 -11.74 -1.90
N VAL A 144 4.14 -11.01 -2.56
CA VAL A 144 5.05 -10.08 -1.87
C VAL A 144 4.75 -8.63 -2.21
N LEU A 145 4.36 -7.85 -1.19
CA LEU A 145 4.07 -6.43 -1.22
C LEU A 145 5.35 -5.59 -0.98
N LYS A 146 5.50 -4.53 -1.78
CA LYS A 146 6.61 -3.55 -1.79
C LYS A 146 6.04 -2.12 -1.72
N ILE A 147 6.39 -1.37 -0.67
CA ILE A 147 5.93 0.03 -0.52
C ILE A 147 6.76 0.96 -1.42
N CYS A 148 6.05 1.81 -2.18
CA CYS A 148 6.55 2.83 -3.10
C CYS A 148 5.97 4.17 -2.70
N ASP A 149 6.34 5.21 -3.47
CA ASP A 149 5.78 6.56 -3.43
C ASP A 149 5.97 7.15 -4.82
N PHE A 150 4.84 7.31 -5.54
CA PHE A 150 4.78 7.85 -6.88
C PHE A 150 4.48 9.35 -6.95
N GLY A 151 4.37 10.00 -5.79
CA GLY A 151 4.09 11.42 -5.66
C GLY A 151 2.66 11.76 -6.04
N GLY A 165 -5.25 11.23 -6.55
CA GLY A 165 -6.17 11.58 -5.47
C GLY A 165 -6.03 10.67 -4.28
N SER A 166 -5.71 11.23 -3.10
CA SER A 166 -5.44 10.51 -1.85
C SER A 166 -6.44 10.66 -0.70
N ALA A 167 -7.48 11.49 -0.87
CA ALA A 167 -8.46 11.83 0.17
C ALA A 167 -9.00 10.67 0.99
N ALA A 168 -9.30 9.55 0.32
CA ALA A 168 -9.91 8.35 0.94
C ALA A 168 -9.06 7.69 2.01
N TRP A 169 -7.72 7.85 1.95
CA TRP A 169 -6.77 7.24 2.87
C TRP A 169 -6.08 8.24 3.80
N MET A 170 -6.35 9.54 3.64
CA MET A 170 -5.76 10.60 4.45
C MET A 170 -6.34 10.71 5.83
N ALA A 171 -5.46 10.75 6.85
CA ALA A 171 -5.84 10.99 8.24
C ALA A 171 -6.41 12.43 8.32
N PRO A 172 -7.50 12.67 9.09
CA PRO A 172 -8.08 14.04 9.12
C PRO A 172 -7.20 15.19 9.62
N GLU A 173 -6.19 14.91 10.48
CA GLU A 173 -5.28 15.94 10.99
C GLU A 173 -4.35 16.48 9.90
N VAL A 174 -4.06 15.66 8.89
CA VAL A 174 -3.20 16.03 7.76
C VAL A 174 -3.95 17.06 6.92
N PHE A 175 -5.17 16.71 6.44
CA PHE A 175 -5.97 17.61 5.63
C PHE A 175 -6.55 18.78 6.39
N GLU A 176 -6.62 18.69 7.75
CA GLU A 176 -7.08 19.83 8.56
C GLU A 176 -5.98 20.89 8.83
N GLY A 177 -4.78 20.65 8.29
CA GLY A 177 -3.64 21.54 8.43
C GLY A 177 -2.72 21.25 9.60
N SER A 178 -3.26 20.57 10.65
CA SER A 178 -2.60 20.18 11.90
C SER A 178 -1.20 19.57 11.75
N ASN A 179 -0.36 19.80 12.78
CA ASN A 179 0.98 19.24 12.87
C ASN A 179 0.81 17.77 13.29
N TYR A 180 0.83 16.86 12.28
CA TYR A 180 0.65 15.40 12.37
C TYR A 180 1.95 14.64 12.72
N SER A 181 1.83 13.32 12.89
CA SER A 181 2.93 12.42 13.20
C SER A 181 2.85 11.18 12.31
N GLU A 182 3.75 10.23 12.53
CA GLU A 182 3.77 8.95 11.85
C GLU A 182 2.44 8.14 12.05
N LYS A 183 1.51 8.67 12.90
CA LYS A 183 0.20 8.07 13.18
C LYS A 183 -0.78 8.29 12.03
N CYS A 184 -0.41 9.13 11.04
CA CYS A 184 -1.26 9.37 9.87
C CYS A 184 -1.23 8.14 8.97
N ASP A 185 -0.07 7.49 8.89
CA ASP A 185 0.15 6.23 8.16
C ASP A 185 -0.68 5.10 8.76
N VAL A 186 -0.86 5.09 10.10
CA VAL A 186 -1.64 4.07 10.81
C VAL A 186 -3.12 4.15 10.37
N PHE A 187 -3.65 5.36 10.31
CA PHE A 187 -4.98 5.67 9.81
C PHE A 187 -5.15 5.12 8.41
N SER A 188 -4.17 5.42 7.51
CA SER A 188 -4.14 5.00 6.09
C SER A 188 -4.14 3.49 5.95
N TRP A 189 -3.38 2.80 6.82
CA TRP A 189 -3.27 1.35 6.89
C TRP A 189 -4.62 0.71 7.26
N GLY A 190 -5.33 1.34 8.21
CA GLY A 190 -6.65 0.90 8.65
C GLY A 190 -7.66 0.93 7.50
N ILE A 191 -7.56 1.95 6.64
CA ILE A 191 -8.43 2.08 5.47
C ILE A 191 -8.11 0.99 4.43
N ILE A 192 -6.81 0.77 4.14
CA ILE A 192 -6.33 -0.26 3.20
C ILE A 192 -6.76 -1.66 3.66
N LEU A 193 -6.72 -1.90 4.99
CA LEU A 193 -7.17 -3.15 5.58
C LEU A 193 -8.63 -3.40 5.24
N TRP A 194 -9.49 -2.37 5.44
CA TRP A 194 -10.90 -2.42 5.10
C TRP A 194 -11.08 -2.73 3.60
N GLU A 195 -10.26 -2.08 2.76
CA GLU A 195 -10.26 -2.17 1.30
C GLU A 195 -9.90 -3.56 0.76
N VAL A 196 -8.88 -4.21 1.33
CA VAL A 196 -8.51 -5.53 0.86
C VAL A 196 -9.53 -6.59 1.29
N ILE A 197 -10.19 -6.38 2.44
CA ILE A 197 -11.19 -7.32 2.98
C ILE A 197 -12.49 -7.29 2.18
N THR A 198 -12.96 -6.06 1.86
CA THR A 198 -14.23 -5.84 1.15
C THR A 198 -14.11 -5.81 -0.37
N ARG A 199 -12.88 -5.55 -0.89
CA ARG A 199 -12.56 -5.34 -2.31
C ARG A 199 -13.35 -4.15 -2.89
N ARG A 200 -13.60 -3.12 -2.04
CA ARG A 200 -14.33 -1.89 -2.42
C ARG A 200 -13.45 -0.68 -2.31
N LYS A 201 -13.69 0.29 -3.18
CA LYS A 201 -12.98 1.57 -3.16
C LYS A 201 -13.54 2.35 -1.94
N PRO A 202 -12.71 2.78 -0.96
CA PRO A 202 -13.26 3.51 0.18
C PRO A 202 -13.88 4.82 -0.23
N PHE A 203 -15.05 5.13 0.32
CA PHE A 203 -15.83 6.36 0.10
C PHE A 203 -16.23 6.60 -1.37
N ASP A 204 -16.32 5.51 -2.17
CA ASP A 204 -16.68 5.54 -3.60
C ASP A 204 -18.10 6.05 -3.81
N GLU A 205 -19.00 5.75 -2.85
CA GLU A 205 -20.42 6.11 -2.84
C GLU A 205 -20.64 7.63 -2.73
N ILE A 206 -19.71 8.33 -2.05
CA ILE A 206 -19.70 9.78 -1.86
C ILE A 206 -19.53 10.41 -3.23
N GLY A 207 -18.39 10.13 -3.87
CA GLY A 207 -18.05 10.65 -5.19
C GLY A 207 -17.74 12.14 -5.17
N GLY A 208 -18.14 12.81 -6.25
CA GLY A 208 -17.91 14.23 -6.48
C GLY A 208 -16.43 14.57 -6.35
N PRO A 209 -16.08 15.82 -6.01
CA PRO A 209 -14.66 16.16 -5.81
C PRO A 209 -14.16 15.72 -4.42
N ALA A 210 -12.82 15.68 -4.25
CA ALA A 210 -12.12 15.23 -3.04
C ALA A 210 -12.52 15.91 -1.71
N PHE A 211 -12.89 17.19 -1.75
CA PHE A 211 -13.25 17.92 -0.54
C PHE A 211 -14.52 17.37 0.12
N ARG A 212 -15.37 16.65 -0.64
CA ARG A 212 -16.58 16.01 -0.15
C ARG A 212 -16.17 14.86 0.77
N ILE A 213 -15.09 14.12 0.40
CA ILE A 213 -14.53 13.02 1.20
C ILE A 213 -13.91 13.60 2.48
N MET A 214 -13.11 14.67 2.33
CA MET A 214 -12.47 15.37 3.44
C MET A 214 -13.51 15.84 4.45
N TRP A 215 -14.61 16.44 3.94
CA TRP A 215 -15.71 16.94 4.76
C TRP A 215 -16.31 15.82 5.61
N ALA A 216 -16.68 14.69 4.97
CA ALA A 216 -17.27 13.53 5.64
C ALA A 216 -16.34 12.96 6.72
N VAL A 217 -15.07 12.62 6.36
CA VAL A 217 -14.06 12.08 7.28
C VAL A 217 -13.78 13.02 8.47
N HIS A 218 -13.70 14.32 8.20
CA HIS A 218 -13.51 15.34 9.23
C HIS A 218 -14.72 15.40 10.20
N ASN A 219 -15.93 15.08 9.70
CA ASN A 219 -17.16 15.04 10.49
C ASN A 219 -17.36 13.70 11.20
N GLY A 220 -16.40 12.79 11.07
CA GLY A 220 -16.43 11.49 11.72
C GLY A 220 -16.71 10.26 10.88
N THR A 221 -17.06 10.44 9.58
CA THR A 221 -17.40 9.35 8.66
C THR A 221 -16.25 8.38 8.44
N ARG A 222 -16.55 7.07 8.50
CA ARG A 222 -15.59 6.00 8.29
C ARG A 222 -16.17 4.98 7.32
N PRO A 223 -15.35 4.05 6.75
CA PRO A 223 -15.91 3.02 5.87
C PRO A 223 -16.95 2.17 6.61
N PRO A 224 -17.98 1.65 5.91
CA PRO A 224 -19.02 0.85 6.58
C PRO A 224 -18.50 -0.39 7.30
N LEU A 225 -19.24 -0.84 8.31
CA LEU A 225 -18.88 -2.04 9.06
C LEU A 225 -18.99 -3.28 8.19
N ILE A 226 -18.08 -4.23 8.40
CA ILE A 226 -18.03 -5.47 7.62
C ILE A 226 -18.80 -6.56 8.36
N LYS A 227 -19.77 -7.19 7.66
CA LYS A 227 -20.58 -8.27 8.20
C LYS A 227 -19.69 -9.48 8.47
N ASN A 228 -19.85 -10.10 9.65
CA ASN A 228 -19.12 -11.32 10.03
C ASN A 228 -17.58 -11.14 10.16
N LEU A 229 -17.12 -9.90 10.26
CA LEU A 229 -15.70 -9.63 10.42
C LEU A 229 -15.28 -10.04 11.84
N PRO A 230 -14.27 -10.92 12.00
CA PRO A 230 -13.82 -11.28 13.36
C PRO A 230 -13.53 -10.05 14.24
N LYS A 231 -13.96 -10.10 15.50
CA LYS A 231 -13.77 -9.04 16.50
C LYS A 231 -12.30 -8.63 16.68
N PRO A 232 -11.29 -9.56 16.75
CA PRO A 232 -9.89 -9.09 16.85
C PRO A 232 -9.46 -8.22 15.66
N ILE A 233 -9.98 -8.53 14.45
CA ILE A 233 -9.64 -7.73 13.26
C ILE A 233 -10.43 -6.40 13.25
N GLU A 234 -11.73 -6.42 13.61
CA GLU A 234 -12.59 -5.25 13.67
C GLU A 234 -12.06 -4.21 14.63
N SER A 235 -11.65 -4.67 15.81
CA SER A 235 -11.09 -3.87 16.89
C SER A 235 -9.80 -3.21 16.45
N LEU A 236 -8.93 -3.92 15.71
CA LEU A 236 -7.68 -3.35 15.25
C LEU A 236 -7.94 -2.26 14.18
N MET A 237 -8.84 -2.57 13.25
CA MET A 237 -9.22 -1.69 12.16
C MET A 237 -9.77 -0.34 12.66
N THR A 238 -10.70 -0.37 13.62
CA THR A 238 -11.34 0.83 14.16
C THR A 238 -10.42 1.67 15.04
N ARG A 239 -9.43 1.07 15.71
CA ARG A 239 -8.49 1.83 16.54
C ARG A 239 -7.61 2.63 15.62
N CYS A 240 -7.25 2.05 14.48
CA CYS A 240 -6.37 2.66 13.48
C CYS A 240 -6.96 3.89 12.88
N TRP A 241 -8.29 3.94 12.79
CA TRP A 241 -8.88 5.09 12.17
C TRP A 241 -9.58 6.05 13.12
N SER A 242 -9.18 6.00 14.39
CA SER A 242 -9.66 6.89 15.45
C SER A 242 -9.30 8.34 15.14
N LYS A 243 -10.17 9.29 15.57
CA LYS A 243 -10.00 10.72 15.38
C LYS A 243 -8.71 11.17 16.08
N ASP A 244 -8.54 10.79 17.35
CA ASP A 244 -7.37 11.11 18.13
C ASP A 244 -6.21 10.22 17.65
N PRO A 245 -5.17 10.82 17.03
CA PRO A 245 -4.04 10.01 16.52
C PRO A 245 -3.30 9.24 17.61
N SER A 246 -3.35 9.74 18.86
CA SER A 246 -2.69 9.14 20.01
C SER A 246 -3.41 7.87 20.51
N GLN A 247 -4.61 7.60 19.97
CA GLN A 247 -5.46 6.45 20.29
C GLN A 247 -5.21 5.33 19.29
N ARG A 248 -4.51 5.65 18.21
CA ARG A 248 -4.16 4.71 17.17
C ARG A 248 -2.96 3.90 17.62
N PRO A 249 -2.90 2.59 17.32
CA PRO A 249 -1.70 1.83 17.74
C PRO A 249 -0.50 2.20 16.87
N SER A 250 0.70 1.98 17.40
CA SER A 250 1.93 2.22 16.62
C SER A 250 2.01 1.07 15.61
N MET A 251 2.79 1.25 14.54
CA MET A 251 3.02 0.22 13.54
C MET A 251 3.67 -1.02 14.12
N GLU A 252 4.56 -0.87 15.14
CA GLU A 252 5.17 -2.03 15.82
C GLU A 252 4.10 -2.93 16.44
N GLU A 253 3.05 -2.33 17.03
CA GLU A 253 1.97 -3.07 17.66
C GLU A 253 1.17 -3.78 16.56
N ILE A 254 0.84 -3.06 15.46
CA ILE A 254 0.13 -3.61 14.30
C ILE A 254 0.87 -4.83 13.73
N VAL A 255 2.20 -4.72 13.52
CA VAL A 255 3.06 -5.83 13.10
C VAL A 255 2.89 -7.05 14.04
N LYS A 256 3.00 -6.83 15.38
CA LYS A 256 2.87 -7.87 16.41
C LYS A 256 1.51 -8.56 16.33
N ILE A 257 0.41 -7.77 16.36
CA ILE A 257 -0.97 -8.29 16.27
C ILE A 257 -1.19 -9.04 14.95
N MET A 258 -0.76 -8.44 13.81
CA MET A 258 -0.94 -9.04 12.49
C MET A 258 -0.19 -10.37 12.31
N THR A 259 1.05 -10.45 12.82
CA THR A 259 1.91 -11.64 12.86
C THR A 259 1.21 -12.76 13.63
N HIS A 260 0.59 -12.44 14.79
CA HIS A 260 -0.16 -13.39 15.64
C HIS A 260 -1.41 -13.93 14.94
N LEU A 261 -2.17 -13.05 14.24
CA LEU A 261 -3.35 -13.41 13.48
C LEU A 261 -3.05 -14.25 12.25
N MET A 262 -1.83 -14.13 11.64
CA MET A 262 -1.43 -14.92 10.45
C MET A 262 -1.44 -16.44 10.69
N ARG A 263 -1.43 -16.84 11.95
CA ARG A 263 -1.46 -18.21 12.42
C ARG A 263 -2.78 -18.85 12.00
N TYR A 264 -3.79 -18.02 11.81
CA TYR A 264 -5.15 -18.39 11.46
C TYR A 264 -5.46 -18.06 10.00
N PHE A 265 -4.43 -17.65 9.24
CA PHE A 265 -4.51 -17.33 7.82
C PHE A 265 -3.47 -18.10 6.95
N PRO A 266 -3.49 -19.46 6.94
CA PRO A 266 -2.57 -20.21 6.05
C PRO A 266 -2.93 -20.01 4.57
N GLY A 267 -1.91 -20.11 3.69
CA GLY A 267 -2.02 -20.02 2.24
C GLY A 267 -1.59 -18.73 1.56
N ALA A 268 -0.88 -17.83 2.29
CA ALA A 268 -0.44 -16.52 1.77
C ALA A 268 0.63 -16.60 0.67
N ASP A 269 1.39 -17.70 0.61
CA ASP A 269 2.43 -17.97 -0.39
C ASP A 269 1.88 -18.58 -1.69
N GLU A 270 0.56 -18.82 -1.75
CA GLU A 270 -0.10 -19.32 -2.95
C GLU A 270 -0.16 -18.20 -3.97
N PRO A 271 0.31 -18.40 -5.21
CA PRO A 271 0.28 -17.29 -6.19
C PRO A 271 -1.14 -16.94 -6.61
N LEU A 272 -1.33 -15.71 -7.14
CA LEU A 272 -2.61 -15.28 -7.70
C LEU A 272 -2.60 -15.83 -9.13
N GLN A 273 -3.52 -16.76 -9.45
CA GLN A 273 -3.57 -17.41 -10.75
C GLN A 273 -5.00 -17.71 -11.26
N TYR A 274 -6.03 -17.43 -10.42
CA TYR A 274 -7.44 -17.67 -10.75
C TYR A 274 -8.23 -16.42 -11.12
N PRO A 275 -9.02 -16.48 -12.23
CA PRO A 275 -9.80 -15.29 -12.63
C PRO A 275 -11.10 -15.13 -11.87
N CYS A 276 -11.36 -13.91 -11.42
CA CYS A 276 -12.57 -13.57 -10.69
C CYS A 276 -13.54 -12.81 -11.58
N GLN A 277 -14.84 -13.05 -11.34
CA GLN A 277 -15.99 -12.42 -12.00
C GLN A 277 -16.53 -11.45 -10.93
N HIS A 278 -16.69 -10.15 -11.27
CA HIS A 278 -17.09 -9.16 -10.27
C HIS A 278 -18.48 -8.53 -10.28
N SER A 279 -19.14 -8.61 -9.09
CA SER A 279 -20.46 -8.07 -8.79
C SER A 279 -20.42 -7.34 -7.43
N LEU A 280 -20.61 -6.00 -7.47
CA LEU A 280 -20.59 -5.13 -6.28
C LEU A 280 -21.95 -4.49 -5.94
N PRO A 281 -22.77 -5.15 -5.08
CA PRO A 281 -24.07 -4.56 -4.72
C PRO A 281 -23.94 -3.43 -3.70
N PRO A 282 -24.67 -2.29 -3.87
CA PRO A 282 -24.56 -1.20 -2.89
C PRO A 282 -25.06 -1.57 -1.49
N GLY A 283 -24.15 -1.51 -0.51
CA GLY A 283 -24.41 -1.83 0.89
C GLY A 283 -25.31 -0.83 1.58
N GLU A 284 -26.33 -1.34 2.28
CA GLU A 284 -27.31 -0.53 3.01
C GLU A 284 -27.15 -0.68 4.53
N ASP A 285 -27.62 0.34 5.29
CA ASP A 285 -27.55 0.46 6.77
C ASP A 285 -26.10 0.44 7.29
N GLY A 286 -25.21 1.08 6.52
CA GLY A 286 -23.78 1.19 6.79
C GLY A 286 -23.06 -0.12 7.05
N ARG A 287 -23.53 -1.20 6.41
CA ARG A 287 -22.97 -2.54 6.57
C ARG A 287 -22.73 -3.25 5.23
N VAL A 288 -21.49 -3.76 5.04
CA VAL A 288 -21.08 -4.45 3.81
C VAL A 288 -20.59 -5.90 4.03
N GLU A 289 -20.61 -6.69 2.95
CA GLU A 289 -20.15 -8.07 2.98
C GLU A 289 -18.63 -8.11 2.68
N PRO A 290 -17.83 -8.98 3.35
CA PRO A 290 -16.41 -9.05 2.97
C PRO A 290 -16.30 -9.71 1.61
N TYR A 291 -15.19 -9.47 0.90
CA TYR A 291 -14.97 -10.15 -0.38
C TYR A 291 -14.30 -11.49 0.01
N VAL A 292 -13.40 -11.41 0.99
CA VAL A 292 -12.70 -12.57 1.53
C VAL A 292 -13.60 -13.38 2.48
N ASP A 293 -13.30 -14.67 2.63
CA ASP A 293 -14.09 -15.56 3.45
C ASP A 293 -13.39 -15.82 4.79
N PHE A 294 -14.12 -15.62 5.92
CA PHE A 294 -13.53 -15.82 7.24
C PHE A 294 -13.88 -17.16 7.91
N ALA A 295 -14.65 -18.04 7.23
CA ALA A 295 -15.04 -19.35 7.75
C ALA A 295 -13.87 -20.21 8.24
N GLU A 296 -12.74 -20.16 7.52
CA GLU A 296 -11.54 -20.91 7.90
C GLU A 296 -10.85 -20.29 9.12
N PHE A 297 -10.83 -18.96 9.24
CA PHE A 297 -10.28 -18.28 10.39
C PHE A 297 -10.99 -18.74 11.66
N TYR A 298 -12.35 -18.67 11.67
CA TYR A 298 -13.21 -19.10 12.78
C TYR A 298 -12.96 -20.56 13.14
N ARG A 299 -12.85 -21.45 12.15
CA ARG A 299 -12.57 -22.87 12.36
C ARG A 299 -11.22 -23.08 13.06
N LEU A 300 -10.17 -22.45 12.55
CA LEU A 300 -8.82 -22.53 13.11
C LEU A 300 -8.69 -21.85 14.50
N TRP A 301 -9.46 -20.76 14.75
CA TRP A 301 -9.47 -20.04 16.01
C TRP A 301 -10.10 -20.91 17.08
N SER A 302 -11.21 -21.60 16.69
CA SER A 302 -11.96 -22.50 17.55
C SER A 302 -11.13 -23.67 18.08
N VAL A 303 -10.24 -24.23 17.24
CA VAL A 303 -9.36 -25.35 17.58
C VAL A 303 -8.42 -24.90 18.71
N ASP A 304 -7.93 -23.66 18.62
CA ASP A 304 -7.07 -23.05 19.62
C ASP A 304 -7.84 -22.50 20.82
N HIS A 305 -9.04 -21.92 20.61
CA HIS A 305 -9.88 -21.31 21.63
C HIS A 305 -11.27 -22.00 21.71
N GLY A 306 -12.33 -21.28 21.30
CA GLY A 306 -13.69 -21.78 21.30
C GLY A 306 -14.30 -21.88 22.69
#